data_5HLT
#
_entry.id   5HLT
#
_cell.length_a   77.870
_cell.length_b   85.503
_cell.length_c   115.905
_cell.angle_alpha   90.00
_cell.angle_beta   90.00
_cell.angle_gamma   90.00
#
_symmetry.space_group_name_H-M   'P 21 21 21'
#
loop_
_entity.id
_entity.type
_entity.pdbx_description
1 polymer 'Restriction endonuclease R.BpuJI'
2 polymer "DNA (5'-D(*GP*YPY*TP*AP*CP*CP*CP*GP*TP*GP*GP*A)-3')"
3 polymer "DNA (5'-D(*TP*CP*CP*AP*CP*GP*GP*GP*TP*AP*YPY*C)-3')"
4 water water
#
loop_
_entity_poly.entity_id
_entity_poly.type
_entity_poly.pdbx_seq_one_letter_code
_entity_poly.pdbx_strand_id
1 'polypeptide(L)'
;GSHMNYNPEEQFRCTIIRGKAKNMLDNLLPAYANIIDDICPCDKASFVKDFNNRLIEILGEETTKKTLDNHRTEIAGKLF
GMFYEDDEVIFPSGRTNKYIEDSDQPAFFKDICFKFQFPNGMDKLDKVIEKVGAKIQIRQFPYILQVLLTADNNNIQLSK
DDIAYYVLNSLQVLQGKIKPIEVIEKIIEDRSNDITKKVRHPGKETSYSMQHIREQLNYLELANLIRIDGNLVKLNYREA
ENINYIAQFWGNKPEFNAYKYDFTSEDDKKSFFKDWQQYYSNVNSHKS
;
A,B
2 'polydeoxyribonucleotide' (DG)(YPE)(DT)(DA)(DC)(DC)(DC)(DG)(DT)(DG)(DG)(DA) L,C
3 'polydeoxyribonucleotide' (DT)(DC)(DC)(DA)(DC)(DG)(DG)(DG)(DT)(DA)(YPE)(DC) M,D
#
# COMPACT_ATOMS: atom_id res chain seq x y z
N ASN A 5 24.54 40.49 6.79
CA ASN A 5 24.36 40.46 5.35
C ASN A 5 23.01 39.87 4.94
N TYR A 6 22.46 39.01 5.79
CA TYR A 6 21.14 38.43 5.55
C TYR A 6 20.06 39.50 5.66
N ASN A 7 19.39 39.76 4.54
CA ASN A 7 18.36 40.79 4.49
C ASN A 7 17.00 40.23 4.08
N PRO A 8 16.10 40.08 5.07
CA PRO A 8 14.75 39.54 4.84
C PRO A 8 13.85 40.49 4.07
N GLU A 9 14.21 41.77 4.01
CA GLU A 9 13.41 42.78 3.34
C GLU A 9 13.25 42.48 1.85
N GLU A 10 14.24 41.80 1.28
CA GLU A 10 14.13 41.31 -0.09
C GLU A 10 13.15 40.15 -0.13
N GLN A 11 11.92 40.43 -0.55
CA GLN A 11 10.86 39.43 -0.53
C GLN A 11 10.56 38.86 -1.91
N PHE A 12 10.13 37.61 -1.94
CA PHE A 12 9.72 36.96 -3.18
C PHE A 12 8.59 35.98 -2.90
N ARG A 13 7.48 36.11 -3.63
CA ARG A 13 6.35 35.21 -3.48
C ARG A 13 6.59 33.92 -4.24
N CYS A 14 6.90 32.85 -3.50
CA CYS A 14 7.15 31.55 -4.10
C CYS A 14 6.04 30.58 -3.74
N THR A 15 5.16 30.30 -4.70
CA THR A 15 3.92 29.58 -4.41
C THR A 15 3.97 28.08 -4.70
N ILE A 16 3.10 27.35 -4.02
CA ILE A 16 2.80 25.98 -4.35
C ILE A 16 1.34 25.92 -4.77
N ILE A 17 0.95 24.82 -5.43
CA ILE A 17 -0.42 24.63 -5.89
C ILE A 17 -1.41 24.78 -4.73
N ARG A 18 -2.49 25.51 -4.97
CA ARG A 18 -3.52 25.72 -3.95
C ARG A 18 -4.29 24.42 -3.69
N GLY A 19 -4.44 24.08 -2.41
CA GLY A 19 -5.04 22.82 -2.01
C GLY A 19 -6.54 22.72 -2.26
N LYS A 20 -7.02 21.49 -2.38
CA LYS A 20 -8.44 21.24 -2.65
C LYS A 20 -8.97 20.05 -1.86
N ALA A 21 -8.13 19.48 -1.00
CA ALA A 21 -8.47 18.22 -0.35
C ALA A 21 -8.09 18.15 1.13
N LYS A 22 -7.91 19.30 1.77
CA LYS A 22 -7.51 19.32 3.17
C LYS A 22 -8.63 18.91 4.11
N ASN A 23 -9.83 19.44 3.87
CA ASN A 23 -10.98 19.17 4.74
C ASN A 23 -11.36 17.69 4.80
N MET A 24 -11.64 17.11 3.64
CA MET A 24 -12.05 15.71 3.57
C MET A 24 -10.94 14.83 3.03
N LEU A 25 -9.74 15.01 3.57
CA LEU A 25 -8.56 14.27 3.12
C LEU A 25 -8.70 12.76 3.36
N ASP A 26 -9.30 12.39 4.48
CA ASP A 26 -9.43 10.98 4.85
C ASP A 26 -10.35 10.22 3.91
N ASN A 27 -11.10 10.95 3.08
CA ASN A 27 -11.94 10.33 2.07
C ASN A 27 -11.36 10.51 0.67
N LEU A 28 -10.91 11.73 0.39
CA LEU A 28 -10.42 12.09 -0.94
C LEU A 28 -9.11 11.39 -1.30
N LEU A 29 -8.17 11.33 -0.37
CA LEU A 29 -6.88 10.69 -0.63
C LEU A 29 -7.03 9.19 -0.90
N PRO A 30 -7.84 8.47 -0.10
CA PRO A 30 -8.11 7.09 -0.52
C PRO A 30 -8.88 7.03 -1.84
N ALA A 31 -9.76 8.00 -2.07
CA ALA A 31 -10.53 8.07 -3.31
C ALA A 31 -9.60 8.26 -4.51
N TYR A 32 -8.68 9.22 -4.40
CA TYR A 32 -7.68 9.46 -5.43
C TYR A 32 -6.94 8.18 -5.79
N ALA A 33 -6.38 7.53 -4.78
CA ALA A 33 -5.56 6.35 -4.97
C ALA A 33 -6.34 5.18 -5.58
N ASN A 34 -7.51 4.89 -5.01
CA ASN A 34 -8.33 3.77 -5.46
C ASN A 34 -8.86 3.97 -6.88
N ILE A 35 -9.20 5.22 -7.22
CA ILE A 35 -9.64 5.53 -8.58
C ILE A 35 -8.51 5.29 -9.56
N ILE A 36 -7.34 5.86 -9.25
CA ILE A 36 -6.15 5.72 -10.09
C ILE A 36 -5.74 4.25 -10.26
N ASP A 37 -5.70 3.52 -9.14
CA ASP A 37 -5.27 2.13 -9.15
C ASP A 37 -6.23 1.25 -9.97
N ASP A 38 -7.51 1.58 -9.93
CA ASP A 38 -8.52 0.78 -10.61
C ASP A 38 -8.53 0.99 -12.13
N ILE A 39 -8.49 2.24 -12.57
CA ILE A 39 -8.66 2.57 -13.98
C ILE A 39 -7.37 2.50 -14.78
N CYS A 40 -6.23 2.52 -14.09
CA CYS A 40 -4.93 2.48 -14.77
C CYS A 40 -4.36 1.06 -14.78
N PRO A 41 -3.53 0.73 -15.78
CA PRO A 41 -3.11 1.57 -16.92
C PRO A 41 -4.18 1.76 -17.99
N CYS A 42 -4.21 2.95 -18.57
CA CYS A 42 -5.13 3.27 -19.66
C CYS A 42 -4.68 4.56 -20.34
N ASP A 43 -5.14 4.79 -21.57
CA ASP A 43 -4.78 6.00 -22.30
C ASP A 43 -5.40 7.23 -21.65
N LYS A 44 -4.92 8.41 -22.04
CA LYS A 44 -5.32 9.67 -21.42
C LYS A 44 -6.80 9.98 -21.62
N ALA A 45 -7.34 9.59 -22.76
CA ALA A 45 -8.74 9.83 -23.07
C ALA A 45 -9.65 9.15 -22.06
N SER A 46 -9.43 7.86 -21.86
CA SER A 46 -10.22 7.07 -20.91
C SER A 46 -10.02 7.56 -19.48
N PHE A 47 -8.80 8.02 -19.19
CA PHE A 47 -8.45 8.46 -17.84
C PHE A 47 -9.29 9.67 -17.41
N VAL A 48 -9.46 10.63 -18.31
CA VAL A 48 -10.20 11.85 -18.01
C VAL A 48 -11.65 11.58 -17.61
N LYS A 49 -12.32 10.75 -18.40
CA LYS A 49 -13.72 10.44 -18.13
C LYS A 49 -13.90 9.56 -16.90
N ASP A 50 -13.12 8.49 -16.83
CA ASP A 50 -13.24 7.52 -15.74
C ASP A 50 -12.89 8.12 -14.38
N PHE A 51 -11.90 9.01 -14.36
CA PHE A 51 -11.48 9.66 -13.12
C PHE A 51 -12.58 10.57 -12.60
N ASN A 52 -13.09 11.44 -13.47
CA ASN A 52 -14.08 12.44 -13.09
C ASN A 52 -15.41 11.84 -12.65
N ASN A 53 -15.87 10.82 -13.38
CA ASN A 53 -17.15 10.19 -13.08
C ASN A 53 -17.12 9.44 -11.76
N ARG A 54 -15.96 8.88 -11.42
CA ARG A 54 -15.79 8.19 -10.16
C ARG A 54 -15.60 9.19 -9.02
N LEU A 55 -14.98 10.32 -9.35
CA LEU A 55 -14.70 11.36 -8.36
C LEU A 55 -15.94 12.20 -8.05
N ILE A 56 -16.79 12.39 -9.05
CA ILE A 56 -18.02 13.18 -8.88
C ILE A 56 -18.94 12.56 -7.84
N GLU A 57 -18.80 11.25 -7.64
CA GLU A 57 -19.59 10.53 -6.66
C GLU A 57 -19.20 10.93 -5.24
N ILE A 58 -17.97 11.40 -5.08
CA ILE A 58 -17.47 11.82 -3.77
C ILE A 58 -17.69 13.31 -3.52
N LEU A 59 -17.36 14.13 -4.51
CA LEU A 59 -17.45 15.57 -4.38
C LEU A 59 -18.89 16.08 -4.47
N GLY A 60 -19.73 15.38 -5.23
CA GLY A 60 -21.11 15.76 -5.37
C GLY A 60 -21.57 15.87 -6.81
N GLU A 61 -22.88 15.84 -7.01
CA GLU A 61 -23.46 15.89 -8.35
C GLU A 61 -23.42 17.30 -8.93
N GLU A 62 -23.42 18.30 -8.06
CA GLU A 62 -23.44 19.70 -8.49
C GLU A 62 -22.04 20.22 -8.81
N THR A 63 -21.06 19.32 -8.79
CA THR A 63 -19.67 19.68 -9.07
C THR A 63 -19.43 19.88 -10.56
N THR A 64 -18.89 21.05 -10.92
CA THR A 64 -18.62 21.36 -12.33
C THR A 64 -17.45 20.54 -12.86
N LYS A 65 -17.45 20.31 -14.16
CA LYS A 65 -16.40 19.53 -14.82
C LYS A 65 -15.02 20.17 -14.63
N LYS A 66 -14.99 21.49 -14.65
CA LYS A 66 -13.74 22.24 -14.47
C LYS A 66 -13.10 21.92 -13.13
N THR A 67 -13.92 21.87 -12.09
CA THR A 67 -13.45 21.52 -10.75
C THR A 67 -12.91 20.09 -10.73
N LEU A 68 -13.64 19.18 -11.37
CA LEU A 68 -13.22 17.79 -11.47
C LEU A 68 -11.89 17.66 -12.21
N ASP A 69 -11.73 18.43 -13.27
CA ASP A 69 -10.48 18.46 -14.02
C ASP A 69 -9.35 19.01 -13.15
N ASN A 70 -9.66 20.05 -12.38
CA ASN A 70 -8.66 20.68 -11.51
C ASN A 70 -8.13 19.73 -10.44
N HIS A 71 -9.02 18.93 -9.86
CA HIS A 71 -8.61 17.92 -8.89
C HIS A 71 -7.65 16.92 -9.52
N ARG A 72 -7.94 16.54 -10.76
CA ARG A 72 -7.17 15.52 -11.46
C ARG A 72 -5.75 15.98 -11.81
N THR A 73 -5.64 17.20 -12.33
CA THR A 73 -4.36 17.69 -12.82
C THR A 73 -3.53 18.40 -11.76
N GLU A 74 -4.19 19.13 -10.87
CA GLU A 74 -3.46 19.89 -9.85
C GLU A 74 -3.07 19.04 -8.65
N ILE A 75 -4.05 18.37 -8.05
CA ILE A 75 -3.85 17.66 -6.80
C ILE A 75 -3.32 16.24 -6.99
N ALA A 76 -4.16 15.36 -7.51
CA ALA A 76 -3.78 13.96 -7.72
C ALA A 76 -2.60 13.85 -8.70
N GLY A 77 -2.56 14.77 -9.67
CA GLY A 77 -1.50 14.78 -10.66
C GLY A 77 -0.20 15.38 -10.16
N LYS A 78 -0.21 16.67 -9.90
CA LYS A 78 1.02 17.40 -9.63
C LYS A 78 1.40 17.47 -8.14
N LEU A 79 0.52 18.05 -7.32
CA LEU A 79 0.86 18.31 -5.92
C LEU A 79 1.11 17.03 -5.12
N PHE A 80 0.30 16.00 -5.37
CA PHE A 80 0.44 14.75 -4.63
C PHE A 80 1.26 13.73 -5.41
N GLY A 81 1.39 13.96 -6.71
CA GLY A 81 2.15 13.07 -7.58
C GLY A 81 1.71 11.62 -7.46
N MET A 82 0.47 11.36 -7.85
CA MET A 82 -0.13 10.05 -7.65
C MET A 82 -0.20 9.25 -8.95
N PHE A 83 0.18 9.88 -10.05
CA PHE A 83 0.31 9.18 -11.33
C PHE A 83 1.28 9.89 -12.26
N TYR A 84 1.50 9.31 -13.43
CA TYR A 84 2.38 9.89 -14.44
C TYR A 84 1.99 9.38 -15.82
N GLU A 85 2.61 9.94 -16.86
CA GLU A 85 2.27 9.59 -18.23
C GLU A 85 3.49 9.22 -19.06
N ASP A 86 3.41 8.10 -19.76
CA ASP A 86 4.49 7.66 -20.64
C ASP A 86 3.93 7.07 -21.92
N ASP A 87 4.20 7.73 -23.04
CA ASP A 87 3.72 7.32 -24.36
C ASP A 87 2.20 7.17 -24.37
N GLU A 88 1.52 8.23 -23.93
CA GLU A 88 0.05 8.29 -23.91
C GLU A 88 -0.57 7.16 -23.08
N VAL A 89 0.16 6.72 -22.05
CA VAL A 89 -0.34 5.70 -21.14
C VAL A 89 -0.13 6.14 -19.69
N ILE A 90 -1.22 6.28 -18.95
CA ILE A 90 -1.15 6.79 -17.58
C ILE A 90 -1.10 5.67 -16.56
N PHE A 91 -0.02 5.63 -15.79
CA PHE A 91 0.20 4.60 -14.78
C PHE A 91 0.08 5.18 -13.37
N PRO A 92 -0.25 4.33 -12.39
CA PRO A 92 -0.18 4.77 -11.00
C PRO A 92 1.27 4.95 -10.56
N SER A 93 1.55 6.01 -9.82
CA SER A 93 2.92 6.33 -9.43
C SER A 93 3.40 5.44 -8.28
N GLY A 94 4.69 5.52 -7.98
CA GLY A 94 5.30 4.72 -6.93
C GLY A 94 4.81 5.10 -5.55
N ARG A 95 4.46 6.37 -5.37
CA ARG A 95 3.95 6.84 -4.08
C ARG A 95 2.54 6.30 -3.83
N THR A 96 1.75 6.22 -4.90
CA THR A 96 0.41 5.65 -4.81
C THR A 96 0.48 4.17 -4.46
N ASN A 97 1.31 3.43 -5.18
CA ASN A 97 1.46 2.00 -4.98
C ASN A 97 1.86 1.64 -3.54
N LYS A 98 2.75 2.44 -2.96
CA LYS A 98 3.16 2.23 -1.58
C LYS A 98 2.00 2.54 -0.62
N TYR A 99 1.30 3.63 -0.89
CA TYR A 99 0.16 4.04 -0.07
C TYR A 99 -0.97 3.01 -0.13
N ILE A 100 -1.16 2.43 -1.32
CA ILE A 100 -2.15 1.38 -1.52
C ILE A 100 -1.84 0.16 -0.63
N GLU A 101 -0.56 -0.12 -0.46
CA GLU A 101 -0.14 -1.32 0.26
C GLU A 101 -0.06 -1.16 1.78
N ASP A 102 0.35 0.01 2.26
CA ASP A 102 0.55 0.18 3.71
C ASP A 102 -0.46 1.12 4.37
N SER A 103 -1.18 1.90 3.57
CA SER A 103 -2.16 2.87 4.07
C SER A 103 -1.54 3.89 5.02
N ASP A 104 -0.25 4.17 4.83
CA ASP A 104 0.48 5.08 5.70
C ASP A 104 0.41 6.50 5.18
N GLN A 105 -0.55 7.27 5.70
CA GLN A 105 -0.74 8.66 5.27
C GLN A 105 0.38 9.61 5.74
N PRO A 106 0.87 9.45 6.98
CA PRO A 106 2.04 10.29 7.32
C PRO A 106 3.25 10.03 6.42
N ALA A 107 3.50 8.76 6.09
CA ALA A 107 4.63 8.41 5.23
C ALA A 107 4.38 8.86 3.79
N PHE A 108 3.12 9.07 3.44
CA PHE A 108 2.75 9.59 2.14
C PHE A 108 3.20 11.04 2.00
N PHE A 109 2.92 11.83 3.03
CA PHE A 109 3.25 13.25 3.01
C PHE A 109 4.70 13.50 3.47
N LYS A 110 5.26 12.57 4.23
CA LYS A 110 6.66 12.65 4.60
C LYS A 110 7.52 12.54 3.36
N ASP A 111 7.07 11.73 2.42
CA ASP A 111 7.76 11.54 1.14
C ASP A 111 7.62 12.80 0.29
N ILE A 112 6.44 13.40 0.35
CA ILE A 112 6.17 14.64 -0.38
C ILE A 112 7.09 15.76 0.11
N CYS A 113 7.26 15.86 1.42
CA CYS A 113 8.10 16.89 2.02
C CYS A 113 9.57 16.68 1.69
N PHE A 114 10.01 15.42 1.71
CA PHE A 114 11.41 15.08 1.46
C PHE A 114 11.84 15.39 0.03
N LYS A 115 10.89 15.39 -0.89
CA LYS A 115 11.21 15.56 -2.30
C LYS A 115 10.80 16.92 -2.87
N PHE A 116 9.97 17.66 -2.15
CA PHE A 116 9.50 18.95 -2.63
C PHE A 116 10.67 19.93 -2.70
N GLN A 117 10.71 20.71 -3.77
CA GLN A 117 11.79 21.66 -3.96
C GLN A 117 11.33 22.86 -4.79
N PHE A 118 12.16 23.90 -4.80
CA PHE A 118 11.98 25.03 -5.70
C PHE A 118 13.25 25.19 -6.52
N PRO A 119 13.12 25.33 -7.85
CA PRO A 119 11.86 25.26 -8.62
C PRO A 119 11.39 23.82 -8.82
N ASN A 120 10.17 23.66 -9.34
CA ASN A 120 9.61 22.35 -9.60
C ASN A 120 8.81 22.31 -10.89
N GLY A 121 8.30 21.13 -11.22
CA GLY A 121 7.53 20.94 -12.44
C GLY A 121 6.03 20.94 -12.22
N MET A 122 5.58 21.55 -11.14
CA MET A 122 4.15 21.67 -10.87
C MET A 122 3.62 22.96 -11.47
N ASP A 123 4.43 24.02 -11.45
CA ASP A 123 4.02 25.31 -11.96
C ASP A 123 3.92 25.31 -13.48
N LYS A 124 3.19 26.28 -14.01
CA LYS A 124 3.20 26.53 -15.45
C LYS A 124 4.59 27.00 -15.86
N LEU A 125 4.95 26.78 -17.13
CA LEU A 125 6.26 27.19 -17.63
C LEU A 125 6.49 28.69 -17.41
N ASP A 126 5.40 29.44 -17.41
CA ASP A 126 5.43 30.87 -17.11
C ASP A 126 6.08 31.15 -15.75
N LYS A 127 5.54 30.55 -14.71
CA LYS A 127 6.01 30.78 -13.36
C LYS A 127 7.34 30.07 -13.09
N VAL A 128 7.59 29.00 -13.83
CA VAL A 128 8.85 28.26 -13.71
C VAL A 128 10.01 29.16 -14.15
N ILE A 129 9.77 29.94 -15.19
CA ILE A 129 10.78 30.86 -15.73
C ILE A 129 11.22 31.89 -14.71
N GLU A 130 10.26 32.44 -13.97
CA GLU A 130 10.58 33.43 -12.95
C GLU A 130 11.29 32.78 -11.75
N LYS A 131 10.94 31.53 -11.46
CA LYS A 131 11.63 30.77 -10.43
C LYS A 131 13.11 30.60 -10.78
N VAL A 132 13.37 30.21 -12.03
CA VAL A 132 14.72 29.97 -12.50
C VAL A 132 15.46 31.28 -12.81
N GLY A 133 14.69 32.34 -13.03
CA GLY A 133 15.27 33.65 -13.32
C GLY A 133 15.81 34.32 -12.08
N ALA A 134 15.30 33.92 -10.91
CA ALA A 134 15.71 34.50 -9.64
C ALA A 134 16.75 33.63 -8.95
N LYS A 135 17.30 32.67 -9.68
CA LYS A 135 18.31 31.74 -9.16
C LYS A 135 17.81 31.02 -7.91
N ILE A 136 16.54 30.64 -7.92
CA ILE A 136 15.93 29.98 -6.78
C ILE A 136 16.19 28.48 -6.78
N GLN A 137 16.76 28.00 -5.68
CA GLN A 137 17.03 26.58 -5.50
C GLN A 137 17.09 26.21 -4.03
N ILE A 138 16.10 25.44 -3.57
CA ILE A 138 16.04 25.05 -2.16
C ILE A 138 15.13 23.85 -1.90
N ARG A 139 15.50 23.01 -0.94
CA ARG A 139 14.58 22.04 -0.35
C ARG A 139 13.98 22.68 0.89
N GLN A 140 12.81 23.28 0.75
CA GLN A 140 12.28 24.13 1.80
C GLN A 140 11.94 23.38 3.08
N PHE A 141 11.47 22.13 2.97
CA PHE A 141 11.04 21.41 4.16
C PHE A 141 12.21 20.94 5.02
N PRO A 142 13.31 20.43 4.40
CA PRO A 142 14.49 20.25 5.24
C PRO A 142 14.97 21.56 5.87
N TYR A 143 14.78 22.66 5.17
CA TYR A 143 15.21 23.97 5.66
C TYR A 143 14.31 24.43 6.81
N ILE A 144 13.00 24.23 6.65
CA ILE A 144 12.04 24.59 7.69
C ILE A 144 12.34 23.84 8.98
N LEU A 145 12.64 22.55 8.86
CA LEU A 145 12.91 21.72 10.03
C LEU A 145 14.21 22.13 10.72
N GLN A 146 15.24 22.44 9.93
CA GLN A 146 16.53 22.84 10.49
C GLN A 146 16.41 24.18 11.21
N VAL A 147 15.55 25.06 10.68
CA VAL A 147 15.28 26.34 11.30
C VAL A 147 14.58 26.15 12.65
N LEU A 148 13.63 25.22 12.68
CA LEU A 148 12.89 24.94 13.91
C LEU A 148 13.78 24.33 14.98
N LEU A 149 14.71 23.48 14.57
CA LEU A 149 15.67 22.88 15.50
C LEU A 149 16.61 23.94 16.06
N THR A 150 16.99 24.89 15.22
CA THR A 150 17.89 25.97 15.62
C THR A 150 17.17 26.94 16.55
N ALA A 151 15.87 27.10 16.33
CA ALA A 151 15.05 27.96 17.18
C ALA A 151 14.99 27.42 18.60
N ASP A 152 14.80 26.11 18.73
CA ASP A 152 14.74 25.47 20.03
C ASP A 152 16.10 25.50 20.72
N ASN A 153 17.16 25.39 19.94
CA ASN A 153 18.51 25.42 20.48
C ASN A 153 18.88 26.81 20.98
N ASN A 154 18.12 27.81 20.53
CA ASN A 154 18.29 29.18 21.00
C ASN A 154 17.15 29.62 21.91
N ASN A 155 16.39 28.63 22.37
CA ASN A 155 15.30 28.85 23.33
C ASN A 155 14.25 29.86 22.87
N ILE A 156 13.83 29.76 21.61
CA ILE A 156 12.76 30.61 21.10
C ILE A 156 11.72 29.79 20.34
N GLN A 157 10.50 30.31 20.29
CA GLN A 157 9.42 29.66 19.55
C GLN A 157 9.03 30.49 18.33
N LEU A 158 8.89 29.84 17.19
CA LEU A 158 8.54 30.53 15.96
C LEU A 158 7.05 30.45 15.67
N SER A 159 6.53 31.47 15.00
CA SER A 159 5.14 31.49 14.59
C SER A 159 5.01 31.21 13.10
N LYS A 160 3.79 31.23 12.60
CA LYS A 160 3.56 31.05 11.17
C LYS A 160 4.06 32.27 10.40
N ASP A 161 3.93 33.44 11.02
CA ASP A 161 4.39 34.69 10.41
C ASP A 161 5.91 34.73 10.32
N ASP A 162 6.59 34.19 11.34
CA ASP A 162 8.05 34.10 11.32
C ASP A 162 8.52 33.21 10.19
N ILE A 163 7.86 32.06 10.03
CA ILE A 163 8.17 31.13 8.95
C ILE A 163 7.86 31.78 7.61
N ALA A 164 6.74 32.50 7.53
CA ALA A 164 6.31 33.11 6.30
C ALA A 164 7.30 34.16 5.81
N TYR A 165 7.56 35.17 6.62
CA TYR A 165 8.38 36.30 6.22
C TYR A 165 9.87 35.95 6.10
N TYR A 166 10.39 35.24 7.09
CA TYR A 166 11.84 35.02 7.19
C TYR A 166 12.33 33.81 6.39
N VAL A 167 11.42 32.95 5.97
CA VAL A 167 11.82 31.73 5.26
C VAL A 167 11.14 31.55 3.92
N LEU A 168 9.82 31.31 3.94
CA LEU A 168 9.10 30.92 2.73
C LEU A 168 8.73 32.09 1.81
N ASN A 169 9.08 33.30 2.22
CA ASN A 169 8.87 34.47 1.37
C ASN A 169 10.13 35.32 1.30
N SER A 170 11.19 34.85 1.95
CA SER A 170 12.49 35.50 1.87
C SER A 170 13.23 35.06 0.62
N LEU A 171 13.61 36.04 -0.21
CA LEU A 171 14.30 35.75 -1.47
C LEU A 171 15.63 35.03 -1.24
N GLN A 172 16.46 35.59 -0.37
CA GLN A 172 17.80 35.05 -0.11
C GLN A 172 17.74 33.63 0.44
N VAL A 173 16.75 33.35 1.28
CA VAL A 173 16.56 32.01 1.83
C VAL A 173 16.20 31.02 0.73
N LEU A 174 15.25 31.42 -0.12
CA LEU A 174 14.79 30.58 -1.22
C LEU A 174 15.88 30.36 -2.28
N GLN A 175 16.92 31.18 -2.23
CA GLN A 175 18.06 31.03 -3.14
C GLN A 175 19.13 30.13 -2.53
N GLY A 176 18.91 29.69 -1.30
CA GLY A 176 19.88 28.85 -0.61
C GLY A 176 21.14 29.60 -0.25
N LYS A 177 20.99 30.90 0.04
CA LYS A 177 22.12 31.76 0.36
C LYS A 177 22.33 31.91 1.85
N ILE A 178 21.31 31.58 2.64
CA ILE A 178 21.31 31.89 4.06
C ILE A 178 21.28 30.65 4.95
N LYS A 179 22.18 30.62 5.94
CA LYS A 179 22.16 29.56 6.96
C LYS A 179 21.04 29.82 7.95
N PRO A 180 20.40 28.75 8.44
CA PRO A 180 19.31 28.84 9.42
C PRO A 180 19.70 29.59 10.69
N ILE A 181 20.97 29.52 11.07
CA ILE A 181 21.44 30.24 12.24
C ILE A 181 21.40 31.75 12.00
N GLU A 182 21.60 32.16 10.76
CA GLU A 182 21.52 33.57 10.40
C GLU A 182 20.08 34.06 10.51
N VAL A 183 19.14 33.20 10.12
CA VAL A 183 17.72 33.52 10.19
C VAL A 183 17.28 33.70 11.63
N ILE A 184 17.65 32.76 12.49
CA ILE A 184 17.28 32.80 13.90
C ILE A 184 17.85 34.03 14.59
N GLU A 185 19.13 34.30 14.35
CA GLU A 185 19.78 35.48 14.92
C GLU A 185 19.09 36.77 14.49
N LYS A 186 18.63 36.81 13.25
CA LYS A 186 17.92 37.97 12.73
C LYS A 186 16.56 38.14 13.41
N ILE A 187 15.91 37.02 13.72
CA ILE A 187 14.61 37.05 14.38
C ILE A 187 14.73 37.51 15.83
N ILE A 188 15.73 36.99 16.54
CA ILE A 188 15.99 37.39 17.92
C ILE A 188 16.31 38.88 18.02
N GLU A 189 17.02 39.39 17.01
CA GLU A 189 17.37 40.81 16.96
C GLU A 189 16.14 41.69 16.76
N ASP A 190 15.30 41.31 15.80
CA ASP A 190 14.10 42.08 15.50
C ASP A 190 13.14 42.13 16.70
N ARG A 191 13.08 41.04 17.45
CA ARG A 191 12.21 40.97 18.62
C ARG A 191 12.70 41.89 19.73
N SER A 192 14.02 42.04 19.85
CA SER A 192 14.61 42.92 20.85
C SER A 192 14.35 44.38 20.52
N ASN A 193 14.11 44.65 19.25
CA ASN A 193 13.76 46.00 18.80
C ASN A 193 12.26 46.15 18.63
N ASP A 194 11.51 45.21 19.21
CA ASP A 194 10.05 45.20 19.17
C ASP A 194 9.51 45.25 17.74
N ILE A 195 10.00 44.33 16.90
CA ILE A 195 9.59 44.29 15.50
C ILE A 195 8.94 42.95 15.14
N THR A 196 7.70 43.01 14.69
CA THR A 196 6.99 41.82 14.23
C THR A 196 6.73 41.91 12.73
N LYS A 197 7.25 40.94 11.97
CA LYS A 197 7.10 40.95 10.52
C LYS A 197 5.97 40.05 10.05
N LYS A 198 5.31 40.46 8.97
CA LYS A 198 4.27 39.66 8.35
C LYS A 198 4.37 39.76 6.83
N VAL A 199 3.91 38.72 6.14
CA VAL A 199 3.82 38.76 4.69
C VAL A 199 2.48 39.35 4.27
N ARG A 200 2.52 40.51 3.61
CA ARG A 200 1.32 41.17 3.15
C ARG A 200 1.57 41.93 1.85
N HIS A 201 0.60 41.86 0.94
CA HIS A 201 0.69 42.57 -0.33
C HIS A 201 -0.45 43.57 -0.45
N PRO A 202 -0.11 44.84 -0.74
CA PRO A 202 -1.09 45.93 -0.85
C PRO A 202 -2.11 45.69 -1.96
N GLY A 203 -3.38 45.63 -1.57
CA GLY A 203 -4.46 45.43 -2.53
C GLY A 203 -4.80 43.97 -2.72
N LYS A 204 -4.17 43.10 -1.94
CA LYS A 204 -4.41 41.67 -2.02
C LYS A 204 -4.93 41.12 -0.69
N GLU A 205 -5.62 39.99 -0.74
CA GLU A 205 -6.15 39.36 0.48
C GLU A 205 -5.13 38.39 1.06
N THR A 206 -5.43 37.85 2.23
CA THR A 206 -4.51 36.96 2.94
C THR A 206 -4.22 35.68 2.17
N SER A 207 -5.17 35.26 1.34
CA SER A 207 -5.01 34.05 0.55
C SER A 207 -3.85 34.19 -0.43
N TYR A 208 -3.73 35.36 -1.02
CA TYR A 208 -2.67 35.62 -1.99
C TYR A 208 -1.29 35.57 -1.35
N SER A 209 -1.20 36.03 -0.11
CA SER A 209 0.08 36.19 0.56
C SER A 209 0.45 35.01 1.47
N MET A 210 -0.55 34.31 1.99
CA MET A 210 -0.30 33.36 3.08
C MET A 210 -0.79 31.93 2.85
N GLN A 211 -1.74 31.74 1.93
CA GLN A 211 -2.36 30.43 1.77
C GLN A 211 -1.37 29.35 1.36
N HIS A 212 -0.46 29.68 0.45
CA HIS A 212 0.53 28.72 -0.02
C HIS A 212 1.60 28.46 1.04
N ILE A 213 1.78 29.42 1.95
CA ILE A 213 2.75 29.28 3.02
C ILE A 213 2.16 28.45 4.17
N ARG A 214 0.89 28.71 4.48
CA ARG A 214 0.18 27.94 5.50
C ARG A 214 0.04 26.48 5.09
N GLU A 215 -0.31 26.26 3.82
CA GLU A 215 -0.57 24.91 3.33
C GLU A 215 0.71 24.10 3.20
N GLN A 216 1.83 24.77 2.93
CA GLN A 216 3.12 24.09 2.95
C GLN A 216 3.37 23.52 4.34
N LEU A 217 3.07 24.31 5.36
CA LEU A 217 3.19 23.85 6.74
C LEU A 217 2.18 22.76 7.06
N ASN A 218 1.01 22.81 6.42
CA ASN A 218 -0.02 21.79 6.60
C ASN A 218 0.48 20.40 6.22
N TYR A 219 1.21 20.31 5.11
CA TYR A 219 1.72 19.04 4.61
C TYR A 219 2.86 18.54 5.48
N LEU A 220 3.59 19.48 6.09
CA LEU A 220 4.62 19.11 7.06
C LEU A 220 3.97 18.59 8.34
N GLU A 221 2.77 19.09 8.62
CA GLU A 221 1.99 18.62 9.76
C GLU A 221 1.38 17.24 9.46
N LEU A 222 0.90 17.07 8.23
CA LEU A 222 0.33 15.80 7.79
C LEU A 222 1.41 14.72 7.73
N ALA A 223 2.65 15.14 7.57
CA ALA A 223 3.79 14.23 7.62
C ALA A 223 4.09 13.85 9.06
N ASN A 224 3.35 14.47 9.98
CA ASN A 224 3.47 14.22 11.42
C ASN A 224 4.84 14.62 11.96
N LEU A 225 5.43 15.64 11.35
CA LEU A 225 6.75 16.11 11.75
C LEU A 225 6.67 17.37 12.59
N ILE A 226 5.61 18.15 12.38
CA ILE A 226 5.38 19.34 13.21
C ILE A 226 3.93 19.40 13.66
N ARG A 227 3.62 20.43 14.43
CA ARG A 227 2.24 20.68 14.86
C ARG A 227 1.97 22.18 14.81
N ILE A 228 0.80 22.54 14.30
CA ILE A 228 0.38 23.95 14.27
C ILE A 228 -0.56 24.22 15.43
N ASP A 229 -0.01 24.80 16.50
CA ASP A 229 -0.77 25.10 17.70
C ASP A 229 -1.18 26.56 17.74
N GLY A 230 -2.36 26.86 17.22
CA GLY A 230 -2.82 28.23 17.11
C GLY A 230 -2.04 28.99 16.07
N ASN A 231 -1.17 29.88 16.51
CA ASN A 231 -0.33 30.65 15.61
C ASN A 231 1.13 30.22 15.71
N LEU A 232 1.40 29.26 16.58
CA LEU A 232 2.76 28.76 16.79
C LEU A 232 3.06 27.52 15.96
N VAL A 233 4.33 27.38 15.60
CA VAL A 233 4.78 26.20 14.86
C VAL A 233 5.77 25.41 15.71
N LYS A 234 5.39 24.18 16.05
CA LYS A 234 6.21 23.36 16.94
C LYS A 234 6.55 22.01 16.32
N LEU A 235 7.76 21.54 16.56
CA LEU A 235 8.19 20.21 16.11
C LEU A 235 7.47 19.12 16.88
N ASN A 236 7.17 18.03 16.19
CA ASN A 236 6.71 16.81 16.87
C ASN A 236 7.91 15.98 17.26
N TYR A 237 8.33 16.08 18.51
CA TYR A 237 9.54 15.41 18.97
C TYR A 237 9.37 13.90 19.13
N ARG A 238 8.14 13.42 18.97
CA ARG A 238 7.90 11.98 18.94
C ARG A 238 8.38 11.41 17.62
N GLU A 239 8.56 12.30 16.64
CA GLU A 239 9.09 11.92 15.33
C GLU A 239 10.45 12.58 15.08
N ALA A 240 11.21 12.77 16.16
CA ALA A 240 12.49 13.46 16.08
C ALA A 240 13.50 12.71 15.21
N GLU A 241 13.40 11.39 15.18
CA GLU A 241 14.32 10.56 14.41
C GLU A 241 14.19 10.87 12.91
N ASN A 242 12.97 11.09 12.46
CA ASN A 242 12.72 11.47 11.07
C ASN A 242 13.03 12.93 10.81
N ILE A 243 12.79 13.77 11.81
CA ILE A 243 13.06 15.20 11.70
C ILE A 243 14.54 15.45 11.41
N ASN A 244 15.41 14.79 12.18
CA ASN A 244 16.85 15.00 12.06
C ASN A 244 17.43 14.47 10.76
N TYR A 245 16.85 13.38 10.25
CA TYR A 245 17.32 12.83 8.98
C TYR A 245 17.01 13.78 7.84
N ILE A 246 15.77 14.24 7.79
CA ILE A 246 15.32 15.12 6.73
C ILE A 246 15.98 16.49 6.81
N ALA A 247 16.19 16.97 8.03
CA ALA A 247 16.78 18.29 8.25
C ALA A 247 18.23 18.39 7.75
N GLN A 248 18.88 17.24 7.61
CA GLN A 248 20.27 17.20 7.15
C GLN A 248 20.47 17.86 5.79
N PHE A 249 19.45 17.82 4.96
CA PHE A 249 19.56 18.28 3.58
C PHE A 249 19.16 19.73 3.38
N TRP A 250 19.18 20.51 4.47
CA TRP A 250 18.80 21.91 4.39
C TRP A 250 19.74 22.71 3.48
N GLY A 251 21.01 22.35 3.50
CA GLY A 251 22.01 23.05 2.71
C GLY A 251 22.31 22.36 1.40
N ASN A 252 21.56 21.32 1.10
CA ASN A 252 21.72 20.58 -0.15
C ASN A 252 20.93 21.21 -1.27
N LYS A 253 21.58 21.41 -2.42
CA LYS A 253 20.90 21.87 -3.61
C LYS A 253 19.82 20.85 -4.00
N PRO A 254 18.72 21.32 -4.60
CA PRO A 254 17.63 20.44 -5.05
C PRO A 254 18.15 19.24 -5.85
N GLU A 255 17.64 18.03 -5.57
CA GLU A 255 18.09 16.84 -6.28
C GLU A 255 17.66 16.87 -7.76
N PHE A 256 16.61 17.61 -8.05
CA PHE A 256 16.18 17.81 -9.43
C PHE A 256 16.71 19.15 -9.93
N ASN A 257 17.64 19.09 -10.88
CA ASN A 257 18.26 20.29 -11.41
C ASN A 257 17.43 20.91 -12.53
N ALA A 258 16.71 21.99 -12.19
CA ALA A 258 15.88 22.68 -13.16
C ALA A 258 16.69 23.69 -13.96
N TYR A 259 17.99 23.75 -13.69
CA TYR A 259 18.86 24.69 -14.37
C TYR A 259 19.73 24.00 -15.43
N LYS A 260 19.14 23.01 -16.10
CA LYS A 260 19.82 22.34 -17.20
C LYS A 260 18.87 22.19 -18.39
N TYR A 261 17.72 22.86 -18.30
CA TYR A 261 16.70 22.80 -19.34
C TYR A 261 16.55 24.14 -20.05
N ASP A 262 16.53 24.09 -21.38
CA ASP A 262 16.31 25.29 -22.19
C ASP A 262 14.83 25.48 -22.47
N PHE A 263 14.25 26.52 -21.89
CA PHE A 263 12.82 26.77 -22.04
C PHE A 263 12.52 27.59 -23.29
N THR A 264 13.55 27.87 -24.07
CA THR A 264 13.37 28.47 -25.39
C THR A 264 13.08 27.36 -26.39
N SER A 265 13.38 26.13 -25.98
CA SER A 265 13.14 24.95 -26.81
C SER A 265 11.79 24.31 -26.46
N GLU A 266 11.49 23.21 -27.12
CA GLU A 266 10.29 22.44 -26.84
C GLU A 266 10.66 21.00 -26.52
N ASP A 267 11.89 20.62 -26.87
CA ASP A 267 12.43 19.32 -26.52
C ASP A 267 12.67 19.24 -25.01
N ASP A 268 13.30 20.28 -24.48
CA ASP A 268 13.57 20.35 -23.04
C ASP A 268 12.31 20.71 -22.27
N LYS A 269 11.50 21.58 -22.86
CA LYS A 269 10.27 22.04 -22.23
C LYS A 269 9.28 20.88 -22.01
N LYS A 270 9.36 19.88 -22.88
CA LYS A 270 8.51 18.71 -22.77
C LYS A 270 9.09 17.71 -21.77
N SER A 271 10.42 17.57 -21.79
CA SER A 271 11.09 16.62 -20.91
C SER A 271 11.20 17.14 -19.49
N PHE A 272 11.12 18.45 -19.33
CA PHE A 272 11.20 19.08 -18.01
C PHE A 272 10.08 18.61 -17.09
N PHE A 273 8.85 18.63 -17.61
CA PHE A 273 7.68 18.23 -16.84
C PHE A 273 7.60 16.71 -16.71
N LYS A 274 8.19 16.01 -17.67
CA LYS A 274 8.22 14.55 -17.63
C LYS A 274 9.23 14.04 -16.61
N ASP A 275 10.39 14.69 -16.57
CA ASP A 275 11.46 14.29 -15.66
C ASP A 275 11.14 14.64 -14.21
N TRP A 276 10.44 15.75 -14.00
CA TRP A 276 10.04 16.14 -12.65
C TRP A 276 9.06 15.12 -12.07
N GLN A 277 8.12 14.68 -12.88
CA GLN A 277 7.09 13.74 -12.43
C GLN A 277 7.75 12.41 -12.04
N GLN A 278 8.73 12.00 -12.82
CA GLN A 278 9.46 10.76 -12.54
C GLN A 278 10.19 10.84 -11.21
N TYR A 279 10.79 12.00 -10.95
CA TYR A 279 11.53 12.22 -9.71
C TYR A 279 10.61 12.33 -8.51
N TYR A 280 9.52 13.07 -8.67
CA TYR A 280 8.63 13.40 -7.57
C TYR A 280 7.64 12.28 -7.26
N SER A 281 7.06 11.68 -8.29
CA SER A 281 6.04 10.66 -8.11
C SER A 281 6.63 9.28 -7.83
N ASN A 282 7.85 9.06 -8.29
CA ASN A 282 8.52 7.78 -8.09
C ASN A 282 9.81 7.92 -7.29
N ASN B 5 17.21 -6.20 10.60
CA ASN B 5 16.86 -6.70 9.28
C ASN B 5 15.36 -6.75 9.05
N TYR B 6 14.67 -7.53 9.88
CA TYR B 6 13.23 -7.71 9.74
C TYR B 6 12.47 -6.40 9.91
N ASN B 7 11.73 -6.02 8.86
CA ASN B 7 10.97 -4.79 8.85
C ASN B 7 9.52 -5.02 8.44
N PRO B 8 8.62 -5.11 9.42
CA PRO B 8 7.19 -5.33 9.17
C PRO B 8 6.52 -4.19 8.42
N GLU B 9 7.21 -3.06 8.30
CA GLU B 9 6.66 -1.89 7.62
C GLU B 9 6.35 -2.18 6.15
N GLU B 10 7.21 -2.97 5.51
CA GLU B 10 6.98 -3.37 4.13
C GLU B 10 5.82 -4.35 4.05
N GLN B 11 4.63 -3.83 3.74
CA GLN B 11 3.42 -4.64 3.71
C GLN B 11 3.10 -5.09 2.30
N PHE B 12 2.45 -6.26 2.18
CA PHE B 12 2.06 -6.79 0.89
C PHE B 12 0.79 -7.63 1.01
N ARG B 13 -0.25 -7.24 0.27
CA ARG B 13 -1.49 -7.99 0.27
C ARG B 13 -1.37 -9.21 -0.63
N CYS B 14 -1.55 -10.39 -0.02
CA CYS B 14 -1.35 -11.66 -0.71
C CYS B 14 -2.53 -12.59 -0.46
N THR B 15 -3.53 -12.51 -1.33
CA THR B 15 -4.82 -13.17 -1.08
C THR B 15 -4.85 -14.64 -1.45
N ILE B 16 -5.82 -15.33 -0.86
CA ILE B 16 -6.23 -16.65 -1.31
C ILE B 16 -7.68 -16.53 -1.78
N ILE B 17 -8.19 -17.59 -2.40
CA ILE B 17 -9.57 -17.58 -2.88
C ILE B 17 -10.56 -17.38 -1.73
N ARG B 18 -11.50 -16.46 -1.93
CA ARG B 18 -12.51 -16.16 -0.91
C ARG B 18 -13.47 -17.33 -0.74
N GLY B 19 -13.55 -17.85 0.48
CA GLY B 19 -14.35 -19.03 0.78
C GLY B 19 -15.84 -18.87 0.56
N LYS B 20 -16.51 -20.00 0.37
CA LYS B 20 -17.94 -20.02 0.11
C LYS B 20 -18.66 -21.12 0.89
N ALA B 21 -17.89 -22.00 1.52
CA ALA B 21 -18.44 -23.22 2.09
C ALA B 21 -18.11 -23.42 3.57
N LYS B 22 -17.97 -22.32 4.31
CA LYS B 22 -17.63 -22.41 5.72
C LYS B 22 -18.83 -22.77 6.59
N ASN B 23 -19.94 -22.05 6.39
CA ASN B 23 -21.12 -22.22 7.22
C ASN B 23 -21.78 -23.59 7.08
N MET B 24 -21.84 -24.11 5.87
CA MET B 24 -22.48 -25.40 5.62
C MET B 24 -21.47 -26.45 5.15
N LEU B 25 -20.27 -26.40 5.72
CA LEU B 25 -19.17 -27.29 5.31
C LEU B 25 -19.51 -28.76 5.48
N ASP B 26 -20.18 -29.11 6.58
CA ASP B 26 -20.51 -30.50 6.87
C ASP B 26 -21.52 -31.07 5.88
N ASN B 27 -22.18 -30.19 5.13
CA ASN B 27 -23.06 -30.62 4.05
C ASN B 27 -22.40 -30.48 2.69
N LEU B 28 -21.69 -29.38 2.48
CA LEU B 28 -21.13 -29.06 1.17
C LEU B 28 -19.90 -29.90 0.82
N LEU B 29 -19.05 -30.19 1.79
CA LEU B 29 -17.84 -30.96 1.53
C LEU B 29 -18.16 -32.40 1.12
N PRO B 30 -19.08 -33.08 1.83
CA PRO B 30 -19.45 -34.39 1.28
C PRO B 30 -20.24 -34.25 -0.03
N ALA B 31 -20.96 -33.13 -0.18
CA ALA B 31 -21.69 -32.87 -1.41
C ALA B 31 -20.72 -32.70 -2.58
N TYR B 32 -19.70 -31.87 -2.39
CA TYR B 32 -18.67 -31.66 -3.40
C TYR B 32 -18.06 -32.99 -3.84
N ALA B 33 -17.68 -33.81 -2.87
CA ALA B 33 -16.98 -35.07 -3.15
C ALA B 33 -17.88 -36.11 -3.82
N ASN B 34 -19.09 -36.27 -3.29
CA ASN B 34 -20.03 -37.26 -3.83
C ASN B 34 -20.41 -36.96 -5.28
N ILE B 35 -20.58 -35.68 -5.60
CA ILE B 35 -20.91 -35.27 -6.95
C ILE B 35 -19.76 -35.57 -7.91
N ILE B 36 -18.55 -35.20 -7.52
CA ILE B 36 -17.36 -35.48 -8.30
C ILE B 36 -17.18 -36.98 -8.53
N ASP B 37 -17.32 -37.74 -7.45
CA ASP B 37 -17.10 -39.19 -7.51
C ASP B 37 -18.11 -39.90 -8.41
N ASP B 38 -19.31 -39.36 -8.50
CA ASP B 38 -20.41 -40.04 -9.19
C ASP B 38 -20.53 -39.69 -10.67
N ILE B 39 -20.08 -38.50 -11.06
CA ILE B 39 -20.24 -38.08 -12.45
C ILE B 39 -18.91 -38.08 -13.21
N CYS B 40 -17.80 -38.15 -12.49
CA CYS B 40 -16.49 -38.24 -13.13
C CYS B 40 -16.05 -39.70 -13.18
N PRO B 41 -15.28 -40.09 -14.20
CA PRO B 41 -14.75 -39.27 -15.30
C PRO B 41 -15.80 -38.92 -16.36
N CYS B 42 -15.71 -37.70 -16.89
CA CYS B 42 -16.62 -37.25 -17.94
C CYS B 42 -16.03 -36.05 -18.67
N ASP B 43 -16.63 -35.70 -19.80
CA ASP B 43 -16.19 -34.52 -20.55
C ASP B 43 -16.53 -33.25 -19.80
N LYS B 44 -15.79 -32.17 -20.09
CA LYS B 44 -15.98 -30.90 -19.40
C LYS B 44 -17.34 -30.29 -19.69
N ALA B 45 -17.92 -30.62 -20.85
CA ALA B 45 -19.20 -30.08 -21.27
C ALA B 45 -20.33 -30.52 -20.34
N SER B 46 -20.36 -31.81 -20.01
CA SER B 46 -21.40 -32.36 -19.15
C SER B 46 -21.06 -32.23 -17.67
N PHE B 47 -19.79 -32.03 -17.35
CA PHE B 47 -19.38 -31.85 -15.97
C PHE B 47 -19.93 -30.55 -15.41
N VAL B 48 -19.86 -29.49 -16.20
CA VAL B 48 -20.40 -28.19 -15.81
C VAL B 48 -21.91 -28.27 -15.60
N LYS B 49 -22.59 -29.00 -16.47
CA LYS B 49 -24.04 -29.11 -16.42
C LYS B 49 -24.52 -29.90 -15.20
N ASP B 50 -23.99 -31.09 -15.00
CA ASP B 50 -24.50 -31.98 -13.97
C ASP B 50 -24.03 -31.62 -12.56
N PHE B 51 -22.86 -31.01 -12.45
CA PHE B 51 -22.37 -30.55 -11.16
C PHE B 51 -23.33 -29.51 -10.58
N ASN B 52 -23.69 -28.54 -11.41
CA ASN B 52 -24.61 -27.47 -11.00
C ASN B 52 -25.99 -27.99 -10.65
N ASN B 53 -26.42 -29.03 -11.35
CA ASN B 53 -27.74 -29.62 -11.11
C ASN B 53 -27.86 -30.29 -9.76
N ARG B 54 -26.78 -30.94 -9.32
CA ARG B 54 -26.79 -31.65 -8.05
C ARG B 54 -26.42 -30.74 -6.88
N LEU B 55 -25.61 -29.73 -7.15
CA LEU B 55 -25.20 -28.79 -6.12
C LEU B 55 -26.33 -27.82 -5.76
N ILE B 56 -27.16 -27.49 -6.75
CA ILE B 56 -28.24 -26.54 -6.55
C ILE B 56 -29.30 -27.11 -5.58
N GLU B 57 -29.29 -28.43 -5.41
CA GLU B 57 -30.19 -29.08 -4.47
C GLU B 57 -29.75 -28.82 -3.03
N ILE B 58 -28.46 -28.57 -2.86
CA ILE B 58 -27.89 -28.31 -1.54
C ILE B 58 -27.96 -26.82 -1.21
N LEU B 59 -27.77 -25.97 -2.22
CA LEU B 59 -27.73 -24.52 -2.01
C LEU B 59 -29.11 -23.88 -2.09
N GLY B 60 -30.02 -24.50 -2.84
CA GLY B 60 -31.37 -23.98 -2.98
C GLY B 60 -31.70 -23.55 -4.40
N GLU B 61 -32.98 -23.48 -4.70
CA GLU B 61 -33.44 -23.16 -6.05
C GLU B 61 -33.20 -21.70 -6.43
N GLU B 62 -33.18 -20.82 -5.42
CA GLU B 62 -33.02 -19.40 -5.66
C GLU B 62 -31.60 -19.04 -6.13
N THR B 63 -30.67 -19.97 -5.97
CA THR B 63 -29.28 -19.76 -6.33
C THR B 63 -29.11 -19.54 -7.84
N THR B 64 -28.36 -18.50 -8.20
CA THR B 64 -28.10 -18.19 -9.60
C THR B 64 -27.00 -19.08 -10.16
N LYS B 65 -26.97 -19.22 -11.48
CA LYS B 65 -25.99 -20.05 -12.16
C LYS B 65 -24.55 -19.63 -11.89
N LYS B 66 -24.32 -18.31 -11.88
CA LYS B 66 -22.98 -17.77 -11.64
C LYS B 66 -22.41 -18.22 -10.30
N THR B 67 -23.28 -18.34 -9.30
CA THR B 67 -22.86 -18.82 -8.00
C THR B 67 -22.46 -20.30 -8.07
N LEU B 68 -23.23 -21.08 -8.83
CA LEU B 68 -22.91 -22.49 -9.06
C LEU B 68 -21.54 -22.63 -9.72
N ASP B 69 -21.29 -21.82 -10.74
CA ASP B 69 -20.03 -21.84 -11.47
C ASP B 69 -18.85 -21.50 -10.56
N ASN B 70 -19.06 -20.52 -9.69
CA ASN B 70 -18.03 -20.09 -8.76
C ASN B 70 -17.71 -21.17 -7.73
N HIS B 71 -18.75 -21.83 -7.23
CA HIS B 71 -18.57 -22.95 -6.29
C HIS B 71 -17.76 -24.07 -6.93
N ARG B 72 -18.01 -24.31 -8.21
CA ARG B 72 -17.37 -25.41 -8.93
C ARG B 72 -15.91 -25.13 -9.22
N THR B 73 -15.61 -23.94 -9.74
CA THR B 73 -14.26 -23.60 -10.17
C THR B 73 -13.37 -23.11 -9.03
N GLU B 74 -13.90 -22.21 -8.20
CA GLU B 74 -13.09 -21.60 -7.14
C GLU B 74 -12.86 -22.54 -5.97
N ILE B 75 -13.93 -23.13 -5.45
CA ILE B 75 -13.85 -23.92 -4.22
C ILE B 75 -13.52 -25.38 -4.49
N ALA B 76 -14.40 -26.07 -5.21
CA ALA B 76 -14.21 -27.49 -5.50
C ALA B 76 -13.02 -27.71 -6.43
N GLY B 77 -12.80 -26.76 -7.32
CA GLY B 77 -11.75 -26.88 -8.31
C GLY B 77 -10.37 -26.49 -7.80
N LYS B 78 -10.20 -25.22 -7.48
CA LYS B 78 -8.89 -24.69 -7.12
C LYS B 78 -8.58 -24.78 -5.63
N LEU B 79 -9.43 -24.16 -4.81
CA LEU B 79 -9.14 -24.02 -3.38
C LEU B 79 -9.04 -25.35 -2.64
N PHE B 80 -9.92 -26.28 -2.96
CA PHE B 80 -9.91 -27.58 -2.30
C PHE B 80 -9.19 -28.64 -3.14
N GLY B 81 -9.08 -28.38 -4.44
CA GLY B 81 -8.43 -29.31 -5.34
C GLY B 81 -9.11 -30.66 -5.34
N MET B 82 -10.35 -30.70 -5.83
CA MET B 82 -11.14 -31.92 -5.76
C MET B 82 -11.34 -32.58 -7.12
N PHE B 83 -10.87 -31.92 -8.18
CA PHE B 83 -10.85 -32.52 -9.50
C PHE B 83 -9.79 -31.86 -10.38
N TYR B 84 -9.40 -32.54 -11.44
CA TYR B 84 -8.42 -31.99 -12.38
C TYR B 84 -8.82 -32.34 -13.81
N GLU B 85 -8.46 -31.46 -14.74
CA GLU B 85 -8.82 -31.64 -16.14
C GLU B 85 -7.66 -32.22 -16.95
N ASP B 86 -7.94 -33.26 -17.72
CA ASP B 86 -6.94 -33.86 -18.60
C ASP B 86 -7.52 -34.07 -19.99
N ASP B 87 -7.21 -33.13 -20.89
CA ASP B 87 -7.72 -33.15 -22.27
C ASP B 87 -9.24 -33.21 -22.31
N GLU B 88 -9.88 -32.19 -21.73
CA GLU B 88 -11.33 -32.06 -21.69
C GLU B 88 -12.01 -33.25 -21.03
N VAL B 89 -11.31 -33.88 -20.08
CA VAL B 89 -11.86 -35.00 -19.33
C VAL B 89 -11.63 -34.79 -17.83
N ILE B 90 -12.71 -34.59 -17.10
CA ILE B 90 -12.63 -34.28 -15.66
C ILE B 90 -12.52 -35.54 -14.81
N PHE B 91 -11.41 -35.64 -14.06
CA PHE B 91 -11.19 -36.78 -13.18
C PHE B 91 -11.15 -36.34 -11.72
N PRO B 92 -11.63 -37.19 -10.81
CA PRO B 92 -11.60 -36.88 -9.38
C PRO B 92 -10.18 -36.87 -8.83
N SER B 93 -9.87 -35.86 -8.01
CA SER B 93 -8.53 -35.71 -7.45
C SER B 93 -8.20 -36.84 -6.48
N GLY B 94 -6.92 -36.99 -6.17
CA GLY B 94 -6.46 -37.98 -5.21
C GLY B 94 -6.99 -37.67 -3.82
N ARG B 95 -7.02 -36.38 -3.49
CA ARG B 95 -7.52 -35.92 -2.20
C ARG B 95 -9.00 -36.28 -2.04
N THR B 96 -9.75 -36.15 -3.13
CA THR B 96 -11.15 -36.55 -3.14
C THR B 96 -11.29 -38.05 -2.91
N ASN B 97 -10.46 -38.83 -3.60
CA ASN B 97 -10.46 -40.28 -3.46
C ASN B 97 -10.16 -40.71 -2.04
N LYS B 98 -9.22 -40.03 -1.40
CA LYS B 98 -8.88 -40.32 -0.01
C LYS B 98 -10.03 -39.97 0.92
N TYR B 99 -10.67 -38.82 0.65
CA TYR B 99 -11.78 -38.36 1.47
C TYR B 99 -13.01 -39.27 1.33
N ILE B 100 -13.24 -39.75 0.10
CA ILE B 100 -14.34 -40.68 -0.14
C ILE B 100 -14.13 -41.96 0.68
N GLU B 101 -12.87 -42.37 0.83
CA GLU B 101 -12.53 -43.59 1.51
C GLU B 101 -12.65 -43.49 3.04
N ASP B 102 -12.04 -42.47 3.62
CA ASP B 102 -11.98 -42.39 5.08
C ASP B 102 -12.93 -41.37 5.71
N SER B 103 -13.50 -40.49 4.89
CA SER B 103 -14.39 -39.43 5.35
C SER B 103 -13.73 -38.59 6.44
N ASP B 104 -12.42 -38.42 6.33
CA ASP B 104 -11.64 -37.71 7.34
C ASP B 104 -11.49 -36.24 6.98
N GLN B 105 -12.35 -35.39 7.55
CA GLN B 105 -12.32 -33.96 7.26
C GLN B 105 -11.08 -33.24 7.80
N PRO B 106 -10.64 -33.57 9.04
CA PRO B 106 -9.38 -32.95 9.46
C PRO B 106 -8.18 -33.32 8.57
N ALA B 107 -8.11 -34.59 8.17
CA ALA B 107 -7.04 -35.05 7.29
C ALA B 107 -7.11 -34.39 5.93
N PHE B 108 -8.33 -34.07 5.51
CA PHE B 108 -8.57 -33.35 4.26
C PHE B 108 -7.89 -31.99 4.28
N PHE B 109 -8.06 -31.26 5.38
CA PHE B 109 -7.55 -29.90 5.49
C PHE B 109 -6.12 -29.85 6.01
N LYS B 110 -5.64 -30.96 6.57
CA LYS B 110 -4.25 -31.05 6.99
C LYS B 110 -3.38 -31.21 5.74
N ASP B 111 -3.88 -31.96 4.77
CA ASP B 111 -3.19 -32.14 3.49
C ASP B 111 -3.19 -30.84 2.71
N ILE B 112 -4.30 -30.11 2.78
CA ILE B 112 -4.42 -28.81 2.14
C ILE B 112 -3.41 -27.82 2.74
N CYS B 113 -3.35 -27.78 4.06
CA CYS B 113 -2.43 -26.89 4.77
C CYS B 113 -0.97 -27.25 4.50
N PHE B 114 -0.70 -28.53 4.31
CA PHE B 114 0.66 -29.00 4.09
C PHE B 114 1.18 -28.59 2.71
N LYS B 115 0.29 -28.52 1.73
CA LYS B 115 0.69 -28.30 0.34
C LYS B 115 0.47 -26.88 -0.16
N PHE B 116 -0.24 -26.06 0.60
CA PHE B 116 -0.47 -24.68 0.17
C PHE B 116 0.84 -23.90 0.20
N GLN B 117 1.00 -23.00 -0.76
CA GLN B 117 2.20 -22.18 -0.86
C GLN B 117 1.92 -20.87 -1.59
N PHE B 118 2.88 -19.96 -1.54
CA PHE B 118 2.86 -18.77 -2.38
C PHE B 118 4.15 -18.74 -3.20
N PRO B 119 4.05 -18.53 -4.52
CA PRO B 119 2.81 -18.37 -5.29
C PRO B 119 2.14 -19.71 -5.58
N ASN B 120 1.04 -19.67 -6.31
CA ASN B 120 0.31 -20.89 -6.65
C ASN B 120 -0.51 -20.74 -7.93
N GLY B 121 -1.15 -21.82 -8.36
CA GLY B 121 -1.92 -21.82 -9.59
C GLY B 121 -3.40 -21.63 -9.37
N MET B 122 -3.77 -21.10 -8.20
CA MET B 122 -5.17 -20.80 -7.92
C MET B 122 -5.52 -19.41 -8.40
N ASP B 123 -4.59 -18.48 -8.24
CA ASP B 123 -4.83 -17.08 -8.62
C ASP B 123 -4.99 -16.90 -10.12
N LYS B 124 -5.56 -15.77 -10.52
CA LYS B 124 -5.60 -15.40 -11.94
C LYS B 124 -4.18 -15.09 -12.41
N LEU B 125 -3.99 -15.09 -13.72
CA LEU B 125 -2.67 -14.91 -14.32
C LEU B 125 -1.98 -13.62 -13.87
N ASP B 126 -2.73 -12.52 -13.88
CA ASP B 126 -2.17 -11.22 -13.51
C ASP B 126 -1.75 -11.21 -12.04
N LYS B 127 -2.54 -11.86 -11.20
CA LYS B 127 -2.25 -11.93 -9.77
C LYS B 127 -1.05 -12.82 -9.49
N VAL B 128 -0.91 -13.89 -10.26
CA VAL B 128 0.24 -14.76 -10.18
C VAL B 128 1.51 -13.98 -10.50
N ILE B 129 1.44 -13.17 -11.55
CA ILE B 129 2.56 -12.36 -12.00
C ILE B 129 2.96 -11.31 -10.97
N GLU B 130 1.97 -10.68 -10.35
CA GLU B 130 2.22 -9.66 -9.33
C GLU B 130 2.93 -10.24 -8.10
N LYS B 131 2.70 -11.53 -7.83
CA LYS B 131 3.34 -12.19 -6.71
C LYS B 131 4.72 -12.71 -7.08
N VAL B 132 4.84 -13.26 -8.29
CA VAL B 132 6.12 -13.71 -8.79
C VAL B 132 7.09 -12.53 -8.93
N GLY B 133 6.57 -11.40 -9.36
CA GLY B 133 7.35 -10.19 -9.46
C GLY B 133 7.77 -9.67 -8.10
N ALA B 134 6.98 -10.00 -7.08
CA ALA B 134 7.26 -9.56 -5.71
C ALA B 134 8.21 -10.53 -5.00
N LYS B 135 8.73 -11.50 -5.74
CA LYS B 135 9.67 -12.49 -5.23
C LYS B 135 9.09 -13.26 -4.04
N ILE B 136 7.79 -13.48 -4.06
CA ILE B 136 7.10 -14.22 -3.00
C ILE B 136 7.43 -15.71 -3.08
N GLN B 137 7.81 -16.29 -1.96
CA GLN B 137 8.03 -17.74 -1.86
C GLN B 137 7.98 -18.22 -0.42
N ILE B 138 6.94 -18.98 -0.08
CA ILE B 138 6.77 -19.45 1.29
C ILE B 138 5.77 -20.61 1.40
N ARG B 139 6.04 -21.53 2.32
CA ARG B 139 5.05 -22.49 2.76
C ARG B 139 4.36 -21.89 3.98
N GLN B 140 3.22 -21.23 3.74
CA GLN B 140 2.56 -20.41 4.75
C GLN B 140 2.24 -21.15 6.06
N PHE B 141 1.54 -22.26 5.95
CA PHE B 141 1.06 -22.97 7.13
C PHE B 141 2.17 -23.64 7.97
N PRO B 142 3.21 -24.20 7.32
CA PRO B 142 4.35 -24.62 8.15
C PRO B 142 4.98 -23.47 8.90
N TYR B 143 4.98 -22.28 8.31
CA TYR B 143 5.60 -21.11 8.91
C TYR B 143 4.80 -20.62 10.11
N ILE B 144 3.48 -20.56 9.95
CA ILE B 144 2.59 -20.08 10.99
C ILE B 144 2.66 -20.96 12.24
N LEU B 145 2.69 -22.28 12.04
CA LEU B 145 2.79 -23.22 13.14
C LEU B 145 4.09 -23.03 13.91
N GLN B 146 5.18 -22.77 13.18
CA GLN B 146 6.48 -22.53 13.80
C GLN B 146 6.46 -21.22 14.60
N VAL B 147 5.80 -20.21 14.04
CA VAL B 147 5.65 -18.93 14.72
C VAL B 147 4.85 -19.10 16.02
N LEU B 148 3.79 -19.89 15.95
CA LEU B 148 2.96 -20.16 17.13
C LEU B 148 3.71 -20.96 18.18
N LEU B 149 4.50 -21.94 17.72
CA LEU B 149 5.33 -22.74 18.63
C LEU B 149 6.39 -21.87 19.30
N THR B 150 6.99 -20.97 18.53
CA THR B 150 8.03 -20.08 19.04
C THR B 150 7.44 -19.07 20.00
N ALA B 151 6.20 -18.66 19.74
CA ALA B 151 5.50 -17.71 20.60
C ALA B 151 5.25 -18.33 21.98
N ASP B 152 4.87 -19.60 22.00
CA ASP B 152 4.60 -20.30 23.25
C ASP B 152 5.87 -20.53 24.05
N ASN B 153 7.00 -20.63 23.35
CA ASN B 153 8.28 -20.83 24.01
C ASN B 153 8.80 -19.52 24.62
N ASN B 154 8.18 -18.41 24.22
CA ASN B 154 8.49 -17.10 24.78
C ASN B 154 7.36 -16.58 25.64
N ASN B 155 6.45 -17.47 26.01
CA ASN B 155 5.34 -17.18 26.92
C ASN B 155 4.45 -16.02 26.47
N ILE B 156 4.20 -15.93 25.17
CA ILE B 156 3.28 -14.92 24.65
C ILE B 156 2.19 -15.56 23.79
N GLN B 157 1.02 -14.93 23.79
CA GLN B 157 -0.09 -15.40 22.98
C GLN B 157 -0.35 -14.43 21.83
N LEU B 158 -0.32 -14.94 20.61
CA LEU B 158 -0.52 -14.11 19.43
C LEU B 158 -1.99 -13.92 19.10
N SER B 159 -2.31 -12.81 18.45
CA SER B 159 -3.66 -12.55 18.00
C SER B 159 -3.76 -12.72 16.49
N LYS B 160 -4.99 -12.62 15.96
CA LYS B 160 -5.20 -12.68 14.52
C LYS B 160 -4.55 -11.48 13.84
N ASP B 161 -4.60 -10.33 14.50
CA ASP B 161 -4.00 -9.11 13.99
C ASP B 161 -2.48 -9.24 13.92
N ASP B 162 -1.89 -9.95 14.88
CA ASP B 162 -0.45 -10.19 14.90
C ASP B 162 -0.04 -11.07 13.72
N ILE B 163 -0.76 -12.16 13.52
CA ILE B 163 -0.52 -13.06 12.41
C ILE B 163 -0.68 -12.32 11.09
N ALA B 164 -1.69 -11.46 11.02
CA ALA B 164 -1.95 -10.67 9.81
C ALA B 164 -0.77 -9.76 9.48
N TYR B 165 -0.45 -8.85 10.38
CA TYR B 165 0.54 -7.81 10.11
C TYR B 165 1.97 -8.35 10.03
N TYR B 166 2.37 -9.13 11.01
CA TYR B 166 3.76 -9.55 11.12
C TYR B 166 4.11 -10.76 10.25
N VAL B 167 3.09 -11.49 9.78
CA VAL B 167 3.33 -12.70 9.01
C VAL B 167 2.66 -12.68 7.63
N LEU B 168 1.33 -12.79 7.60
CA LEU B 168 0.62 -13.04 6.36
C LEU B 168 0.47 -11.81 5.45
N ASN B 169 0.73 -10.62 6.01
CA ASN B 169 0.73 -9.40 5.20
C ASN B 169 2.11 -8.76 5.21
N SER B 170 3.09 -9.50 5.73
CA SER B 170 4.48 -9.04 5.79
C SER B 170 5.26 -9.50 4.57
N LEU B 171 5.66 -8.55 3.73
CA LEU B 171 6.36 -8.84 2.49
C LEU B 171 7.62 -9.67 2.70
N GLN B 172 8.45 -9.26 3.65
CA GLN B 172 9.71 -9.94 3.91
C GLN B 172 9.52 -11.37 4.39
N VAL B 173 8.44 -11.60 5.14
CA VAL B 173 8.11 -12.95 5.59
C VAL B 173 7.62 -13.80 4.42
N LEU B 174 6.77 -13.21 3.58
CA LEU B 174 6.23 -13.90 2.41
C LEU B 174 7.32 -14.16 1.35
N GLN B 175 8.41 -13.42 1.43
CA GLN B 175 9.54 -13.63 0.53
C GLN B 175 10.46 -14.75 1.02
N GLY B 176 10.21 -15.21 2.26
CA GLY B 176 10.99 -16.27 2.84
C GLY B 176 12.33 -15.80 3.38
N LYS B 177 12.40 -14.53 3.78
CA LYS B 177 13.64 -13.93 4.23
C LYS B 177 13.74 -13.85 5.75
N ILE B 178 12.63 -14.06 6.43
CA ILE B 178 12.56 -13.85 7.87
C ILE B 178 12.33 -15.13 8.67
N LYS B 179 13.16 -15.34 9.69
CA LYS B 179 12.96 -16.44 10.62
C LYS B 179 11.85 -16.11 11.62
N PRO B 180 11.08 -17.12 12.03
CA PRO B 180 9.98 -16.93 12.99
C PRO B 180 10.42 -16.30 14.31
N ILE B 181 11.64 -16.59 14.74
CA ILE B 181 12.15 -16.06 16.01
C ILE B 181 12.31 -14.54 15.92
N GLU B 182 12.58 -14.05 14.72
CA GLU B 182 12.72 -12.60 14.50
C GLU B 182 11.35 -11.93 14.55
N VAL B 183 10.33 -12.65 14.13
CA VAL B 183 8.95 -12.14 14.16
C VAL B 183 8.49 -11.98 15.61
N ILE B 184 8.77 -12.99 16.42
CA ILE B 184 8.39 -12.98 17.82
C ILE B 184 9.11 -11.88 18.59
N GLU B 185 10.41 -11.75 18.34
CA GLU B 185 11.22 -10.70 18.98
C GLU B 185 10.71 -9.31 18.64
N LYS B 186 10.24 -9.13 17.40
CA LYS B 186 9.71 -7.84 16.97
C LYS B 186 8.39 -7.54 17.67
N ILE B 187 7.55 -8.57 17.82
CA ILE B 187 6.27 -8.42 18.48
C ILE B 187 6.43 -8.09 19.96
N ILE B 188 7.36 -8.78 20.62
CA ILE B 188 7.66 -8.54 22.02
C ILE B 188 8.21 -7.12 22.23
N GLU B 189 9.05 -6.68 21.31
CA GLU B 189 9.60 -5.33 21.36
C GLU B 189 8.51 -4.29 21.14
N ASP B 190 7.68 -4.51 20.12
CA ASP B 190 6.61 -3.58 19.78
C ASP B 190 5.62 -3.43 20.93
N ARG B 191 5.31 -4.54 21.61
CA ARG B 191 4.40 -4.51 22.74
C ARG B 191 4.99 -3.70 23.89
N SER B 192 6.29 -3.84 24.11
CA SER B 192 6.98 -3.12 25.17
C SER B 192 6.92 -1.61 24.94
N ASN B 193 6.83 -1.22 23.67
CA ASN B 193 6.71 0.19 23.31
C ASN B 193 5.27 0.62 23.13
N ASP B 194 4.35 -0.22 23.62
CA ASP B 194 2.90 0.04 23.53
C ASP B 194 2.42 0.20 22.09
N ILE B 195 2.83 -0.72 21.23
CA ILE B 195 2.44 -0.67 19.83
C ILE B 195 1.65 -1.91 19.43
N THR B 196 0.45 -1.69 18.91
CA THR B 196 -0.39 -2.77 18.41
C THR B 196 -0.73 -2.53 16.93
N LYS B 197 -0.36 -3.49 16.09
CA LYS B 197 -0.54 -3.32 14.64
C LYS B 197 -1.74 -4.07 14.10
N LYS B 198 -2.43 -3.45 13.16
CA LYS B 198 -3.53 -4.08 12.44
C LYS B 198 -3.37 -3.84 10.94
N VAL B 199 -3.80 -4.80 10.13
CA VAL B 199 -3.75 -4.63 8.69
C VAL B 199 -4.98 -3.87 8.19
N ARG B 200 -4.74 -2.77 7.48
CA ARG B 200 -5.82 -1.97 6.93
C ARG B 200 -5.39 -1.28 5.64
N HIS B 201 -6.34 -1.08 4.74
CA HIS B 201 -6.06 -0.45 3.45
C HIS B 201 -6.99 0.74 3.23
N PRO B 202 -6.49 1.78 2.55
CA PRO B 202 -7.24 3.04 2.44
C PRO B 202 -8.54 2.90 1.66
N GLY B 203 -9.65 3.26 2.30
CA GLY B 203 -10.95 3.20 1.67
C GLY B 203 -11.47 1.79 1.48
N LYS B 204 -10.82 0.82 2.12
CA LYS B 204 -11.20 -0.57 1.97
C LYS B 204 -11.77 -1.15 3.26
N GLU B 205 -12.77 -2.02 3.11
CA GLU B 205 -13.41 -2.66 4.25
C GLU B 205 -12.55 -3.80 4.79
N THR B 206 -12.90 -4.30 5.96
CA THR B 206 -12.11 -5.34 6.64
C THR B 206 -12.01 -6.62 5.82
N SER B 207 -13.03 -6.88 5.00
CA SER B 207 -13.03 -8.06 4.15
C SER B 207 -11.87 -8.02 3.17
N TYR B 208 -11.62 -6.84 2.61
CA TYR B 208 -10.51 -6.65 1.70
C TYR B 208 -9.18 -6.91 2.40
N SER B 209 -9.07 -6.41 3.63
CA SER B 209 -7.80 -6.43 4.35
C SER B 209 -7.55 -7.74 5.11
N MET B 210 -8.61 -8.43 5.52
CA MET B 210 -8.45 -9.49 6.50
C MET B 210 -9.11 -10.84 6.17
N GLN B 211 -10.06 -10.86 5.24
CA GLN B 211 -10.83 -12.09 5.01
C GLN B 211 -9.94 -13.25 4.56
N HIS B 212 -8.97 -12.96 3.70
CA HIS B 212 -8.07 -14.00 3.21
C HIS B 212 -7.09 -14.45 4.28
N ILE B 213 -6.89 -13.60 5.28
CA ILE B 213 -5.98 -13.91 6.38
C ILE B 213 -6.69 -14.74 7.44
N ARG B 214 -7.93 -14.39 7.73
CA ARG B 214 -8.76 -15.15 8.66
C ARG B 214 -9.08 -16.54 8.10
N GLU B 215 -9.47 -16.59 6.82
CA GLU B 215 -9.86 -17.85 6.20
C GLU B 215 -8.69 -18.81 6.05
N GLN B 216 -7.47 -18.28 5.91
CA GLN B 216 -6.28 -19.12 5.93
C GLN B 216 -6.15 -19.79 7.29
N LEU B 217 -6.45 -19.05 8.35
CA LEU B 217 -6.43 -19.60 9.70
C LEU B 217 -7.60 -20.56 9.92
N ASN B 218 -8.68 -20.36 9.17
CA ASN B 218 -9.86 -21.23 9.27
C ASN B 218 -9.55 -22.67 8.81
N TYR B 219 -8.80 -22.78 7.72
CA TYR B 219 -8.46 -24.09 7.17
C TYR B 219 -7.40 -24.77 8.03
N LEU B 220 -6.67 -23.98 8.80
CA LEU B 220 -5.71 -24.52 9.76
C LEU B 220 -6.46 -25.02 11.00
N GLU B 221 -7.62 -24.44 11.24
CA GLU B 221 -8.48 -24.84 12.35
C GLU B 221 -9.30 -26.07 11.97
N LEU B 222 -9.64 -26.16 10.68
CA LEU B 222 -10.37 -27.32 10.17
C LEU B 222 -9.45 -28.53 10.07
N ALA B 223 -8.15 -28.27 10.05
CA ALA B 223 -7.15 -29.32 10.11
C ALA B 223 -6.93 -29.73 11.56
N ASN B 224 -7.66 -29.07 12.46
CA ASN B 224 -7.60 -29.33 13.90
C ASN B 224 -6.20 -29.11 14.46
N LEU B 225 -5.45 -28.21 13.83
CA LEU B 225 -4.11 -27.87 14.28
C LEU B 225 -4.09 -26.64 15.16
N ILE B 226 -5.06 -25.74 14.95
CA ILE B 226 -5.20 -24.56 15.78
C ILE B 226 -6.63 -24.34 16.24
N ARG B 227 -6.80 -23.47 17.23
CA ARG B 227 -8.11 -23.06 17.69
C ARG B 227 -8.20 -21.53 17.67
N ILE B 228 -9.36 -21.02 17.27
CA ILE B 228 -9.55 -19.57 17.20
C ILE B 228 -10.65 -19.12 18.15
N ASP B 229 -10.24 -18.68 19.34
CA ASP B 229 -11.18 -18.17 20.33
C ASP B 229 -10.95 -16.70 20.59
N GLY B 230 -11.92 -15.88 20.19
CA GLY B 230 -11.80 -14.44 20.28
C GLY B 230 -10.81 -13.94 19.25
N ASN B 231 -9.93 -13.03 19.66
CA ASN B 231 -8.90 -12.52 18.77
C ASN B 231 -7.63 -13.35 18.85
N LEU B 232 -7.61 -14.30 19.79
CA LEU B 232 -6.42 -15.10 20.06
C LEU B 232 -6.34 -16.36 19.21
N VAL B 233 -5.15 -16.65 18.70
CA VAL B 233 -4.89 -17.87 17.95
C VAL B 233 -4.04 -18.83 18.77
N LYS B 234 -4.56 -20.01 19.03
CA LYS B 234 -3.88 -21.00 19.87
C LYS B 234 -3.61 -22.30 19.14
N LEU B 235 -2.59 -23.03 19.58
CA LEU B 235 -2.30 -24.35 19.05
C LEU B 235 -3.17 -25.40 19.73
N ASN B 236 -3.48 -26.46 18.99
CA ASN B 236 -4.22 -27.59 19.55
C ASN B 236 -3.26 -28.69 19.96
N TYR B 237 -2.78 -28.61 21.20
CA TYR B 237 -1.70 -29.48 21.68
C TYR B 237 -2.06 -30.96 21.68
N ARG B 238 -3.33 -31.27 21.48
CA ARG B 238 -3.76 -32.67 21.35
C ARG B 238 -3.41 -33.18 19.95
N GLU B 239 -2.94 -32.28 19.11
CA GLU B 239 -2.51 -32.61 17.75
C GLU B 239 -1.07 -32.17 17.50
N ALA B 240 -0.30 -32.07 18.59
CA ALA B 240 1.06 -31.55 18.53
C ALA B 240 2.01 -32.41 17.69
N GLU B 241 1.68 -33.69 17.56
CA GLU B 241 2.51 -34.61 16.79
C GLU B 241 2.48 -34.23 15.31
N ASN B 242 1.30 -33.86 14.83
CA ASN B 242 1.14 -33.40 13.46
C ASN B 242 1.66 -31.98 13.28
N ILE B 243 1.55 -31.17 14.32
CA ILE B 243 2.04 -29.80 14.28
C ILE B 243 3.54 -29.77 14.05
N ASN B 244 4.26 -30.57 14.84
CA ASN B 244 5.72 -30.63 14.72
C ASN B 244 6.19 -31.11 13.36
N TYR B 245 5.46 -32.06 12.78
CA TYR B 245 5.83 -32.58 11.46
C TYR B 245 5.65 -31.54 10.37
N ILE B 246 4.60 -30.72 10.47
CA ILE B 246 4.33 -29.72 9.46
C ILE B 246 5.18 -28.47 9.70
N ALA B 247 5.36 -28.10 10.96
CA ALA B 247 6.07 -26.88 11.31
C ALA B 247 7.55 -26.93 10.96
N GLN B 248 8.09 -28.12 10.75
CA GLN B 248 9.52 -28.27 10.45
C GLN B 248 9.83 -27.84 9.02
N PHE B 249 8.79 -27.64 8.21
CA PHE B 249 8.96 -27.22 6.83
C PHE B 249 8.84 -25.71 6.64
N TRP B 250 8.98 -24.97 7.74
CA TRP B 250 8.82 -23.51 7.69
C TRP B 250 9.88 -22.83 6.83
N GLY B 251 11.09 -23.36 6.87
CA GLY B 251 12.21 -22.73 6.17
C GLY B 251 12.40 -23.25 4.76
N ASN B 252 11.68 -24.31 4.43
CA ASN B 252 11.76 -24.90 3.10
C ASN B 252 11.17 -23.98 2.03
N LYS B 253 11.78 -24.00 0.85
CA LYS B 253 11.21 -23.33 -0.31
C LYS B 253 10.01 -24.14 -0.77
N PRO B 254 9.03 -23.47 -1.41
CA PRO B 254 7.83 -24.14 -1.96
C PRO B 254 8.18 -25.33 -2.86
N GLU B 255 7.48 -26.43 -2.67
CA GLU B 255 7.72 -27.65 -3.46
C GLU B 255 7.47 -27.41 -4.94
N PHE B 256 6.43 -26.63 -5.23
CA PHE B 256 6.10 -26.25 -6.60
C PHE B 256 6.82 -24.96 -6.97
N ASN B 257 7.76 -25.04 -7.91
CA ASN B 257 8.54 -23.88 -8.31
C ASN B 257 7.87 -23.13 -9.45
N ALA B 258 7.29 -21.98 -9.13
CA ALA B 258 6.56 -21.18 -10.11
C ALA B 258 7.48 -20.23 -10.87
N TYR B 259 8.77 -20.25 -10.54
CA TYR B 259 9.71 -19.31 -11.12
C TYR B 259 10.49 -19.90 -12.30
N LYS B 260 9.93 -20.94 -12.91
CA LYS B 260 10.56 -21.54 -14.08
C LYS B 260 9.59 -21.58 -15.27
N TYR B 261 8.51 -20.82 -15.16
CA TYR B 261 7.53 -20.73 -16.24
C TYR B 261 7.57 -19.36 -16.90
N ASP B 262 7.73 -19.35 -18.22
CA ASP B 262 7.71 -18.10 -18.97
C ASP B 262 6.26 -17.69 -19.26
N PHE B 263 5.77 -16.70 -18.52
CA PHE B 263 4.39 -16.24 -18.65
C PHE B 263 4.21 -15.39 -19.91
N THR B 264 5.30 -15.18 -20.65
CA THR B 264 5.23 -14.54 -21.94
C THR B 264 4.95 -15.59 -23.02
N SER B 265 4.94 -16.84 -22.60
CA SER B 265 4.71 -17.97 -23.51
C SER B 265 3.36 -18.63 -23.24
N GLU B 266 2.61 -18.87 -24.31
CA GLU B 266 1.30 -19.51 -24.19
C GLU B 266 1.41 -20.95 -23.70
N ASP B 267 2.50 -21.61 -24.09
CA ASP B 267 2.72 -23.01 -23.74
C ASP B 267 2.93 -23.20 -22.23
N ASP B 268 3.70 -22.30 -21.63
CA ASP B 268 3.99 -22.39 -20.20
C ASP B 268 2.83 -21.88 -19.34
N LYS B 269 2.04 -20.96 -19.88
CA LYS B 269 0.86 -20.47 -19.19
C LYS B 269 -0.16 -21.60 -19.02
N LYS B 270 -0.18 -22.51 -19.99
CA LYS B 270 -1.05 -23.67 -19.93
C LYS B 270 -0.50 -24.71 -18.96
N SER B 271 0.82 -24.92 -19.01
CA SER B 271 1.47 -25.91 -18.16
C SER B 271 1.45 -25.50 -16.69
N PHE B 272 1.68 -24.22 -16.43
CA PHE B 272 1.74 -23.69 -15.07
C PHE B 272 0.51 -24.07 -14.25
N PHE B 273 -0.66 -23.73 -14.76
CA PHE B 273 -1.92 -24.05 -14.09
C PHE B 273 -2.14 -25.55 -14.03
N LYS B 274 -1.80 -26.24 -15.10
CA LYS B 274 -1.97 -27.69 -15.18
C LYS B 274 -1.06 -28.42 -14.20
N ASP B 275 0.21 -28.02 -14.16
CA ASP B 275 1.18 -28.66 -13.28
C ASP B 275 0.85 -28.45 -11.81
N TRP B 276 0.36 -27.25 -11.48
CA TRP B 276 -0.01 -26.94 -10.11
C TRP B 276 -1.14 -27.84 -9.61
N GLN B 277 -2.15 -28.03 -10.47
CA GLN B 277 -3.30 -28.83 -10.10
C GLN B 277 -2.91 -30.29 -9.87
N GLN B 278 -1.94 -30.77 -10.64
CA GLN B 278 -1.44 -32.13 -10.46
C GLN B 278 -0.71 -32.27 -9.13
N TYR B 279 -0.03 -31.22 -8.72
CA TYR B 279 0.71 -31.21 -7.46
C TYR B 279 -0.21 -31.05 -6.26
N TYR B 280 -1.17 -30.14 -6.36
CA TYR B 280 -2.04 -29.80 -5.24
C TYR B 280 -3.13 -30.83 -4.99
N SER B 281 -3.73 -31.32 -6.08
CA SER B 281 -4.85 -32.26 -5.97
C SER B 281 -4.38 -33.66 -5.54
N ASN B 282 -3.09 -33.91 -5.67
CA ASN B 282 -2.53 -35.20 -5.29
C ASN B 282 -2.57 -35.41 -3.77
#